data_7RG4
#
_entry.id   7RG4
#
_cell.length_a   78.015
_cell.length_b   89.748
_cell.length_c   97.204
_cell.angle_alpha   90.000
_cell.angle_beta   90.000
_cell.angle_gamma   90.000
#
_symmetry.space_group_name_H-M   'P 21 21 21'
#
loop_
_entity.id
_entity.type
_entity.pdbx_description
1 polymer 'Importin subunit alpha-1'
2 polymer 'Isoform 3 of Nuclear factor NF-kappa-B p105 subunit'
#
loop_
_entity_poly.entity_id
_entity_poly.type
_entity_poly.pdbx_seq_one_letter_code
_entity_poly.pdbx_strand_id
1 'polypeptide(L)'
;MHHHHHHSSGLVPRGSGMLETAAALFERNHMDSPDLGTDDDDLAMADIGSNQGTVNWSVEDIVKGINSNNLESQLQATQA
ARKLLSREKQPPIDNIIRAGLIPKFVSFLGKTDCSPIQFESAWALTNIASGTSEQTKAVVDGGAIPAFISLLASPHAHIS
EQAVWALGNIAGDGSAFRDLVIKHGAIDPLLALLAVPDLSTLACGYLRNLTWTLSNLCRNKNPAPPLDAVEQILPTLVRL
LHHNDPEVLADSCWAISYLTDGPNERIEMVVKKGVVPQLVKLLGATELPIVTPALRAIGNIVTGTDEQTQKVIDAGALAV
FPSLLTNPKTNIQKEATWTMSNITAGRQDQIQQVVNHGLVPFLVGVLSKADFKTQKEAAWAITNYTSGGTVEQIVYLVHC
GIIEPLMNLLSAKDTKIIQVILDAISNIFQAAEKLGETEKLSIMIEECGGLDKIEALQRHENESVYKASLNLIEKYFSVE
EEEDQNVVPETTSEGFAFQVQDGAPGTFNF
;
E
2 'polypeptide(L)' VQLRRKSDLETSEPKPFLYYPEIKDKEEVQRKRQKLMPNF B
#
# COMPACT_ATOMS: atom_id res chain seq x y z
N GLN A 52 3.42 38.63 17.83
CA GLN A 52 2.46 38.17 16.83
C GLN A 52 1.03 38.38 17.32
N GLY A 53 0.41 39.45 16.84
CA GLY A 53 -0.96 39.77 17.22
C GLY A 53 -1.99 39.22 16.25
N THR A 54 -1.59 38.21 15.46
CA THR A 54 -2.49 37.56 14.52
C THR A 54 -3.06 36.26 15.08
N VAL A 55 -3.13 36.13 16.41
CA VAL A 55 -3.58 34.92 17.06
C VAL A 55 -5.03 35.09 17.47
N ASN A 56 -5.86 34.12 17.10
CA ASN A 56 -7.27 34.06 17.50
C ASN A 56 -8.03 35.29 17.01
N TRP A 57 -8.08 35.43 15.69
CA TRP A 57 -9.02 36.33 15.06
C TRP A 57 -10.36 35.61 14.85
N SER A 58 -11.40 36.39 14.68
CA SER A 58 -12.69 35.86 14.25
C SER A 58 -12.73 35.82 12.73
N VAL A 59 -13.54 34.89 12.20
CA VAL A 59 -13.76 34.87 10.75
C VAL A 59 -14.17 36.26 10.28
N GLU A 60 -14.95 36.97 11.09
CA GLU A 60 -15.39 38.31 10.74
C GLU A 60 -14.21 39.26 10.58
N ASP A 61 -13.27 39.23 11.53
CA ASP A 61 -12.10 40.10 11.43
C ASP A 61 -11.25 39.77 10.21
N ILE A 62 -11.07 38.47 9.93
CA ILE A 62 -10.28 38.08 8.77
C ILE A 62 -10.95 38.56 7.49
N VAL A 63 -12.29 38.45 7.42
CA VAL A 63 -13.00 38.94 6.25
C VAL A 63 -12.82 40.44 6.12
N LYS A 64 -12.90 41.16 7.24
CA LYS A 64 -12.68 42.61 7.22
C LYS A 64 -11.31 42.95 6.66
N GLY A 65 -10.29 42.18 7.07
CA GLY A 65 -8.93 42.48 6.67
C GLY A 65 -8.62 42.11 5.24
N ILE A 66 -9.20 41.01 4.75
CA ILE A 66 -8.92 40.55 3.40
C ILE A 66 -9.61 41.44 2.37
N ASN A 67 -10.76 42.01 2.72
CA ASN A 67 -11.48 42.91 1.82
C ASN A 67 -11.03 44.36 1.94
N SER A 68 -9.91 44.61 2.61
CA SER A 68 -9.49 45.98 2.88
C SER A 68 -8.80 46.65 1.70
N ASN A 69 -8.42 45.89 0.67
CA ASN A 69 -7.64 46.43 -0.45
C ASN A 69 -6.35 47.10 0.03
N ASN A 70 -5.86 46.65 1.18
CA ASN A 70 -4.55 47.06 1.71
C ASN A 70 -3.70 45.79 1.79
N LEU A 71 -2.69 45.70 0.92
CA LEU A 71 -1.95 44.45 0.77
C LEU A 71 -1.48 43.92 2.11
N GLU A 72 -1.07 44.79 3.03
CA GLU A 72 -0.51 44.33 4.29
C GLU A 72 -1.59 43.97 5.31
N SER A 73 -2.71 44.71 5.33
CA SER A 73 -3.86 44.25 6.10
C SER A 73 -4.32 42.90 5.61
N GLN A 74 -4.32 42.70 4.29
CA GLN A 74 -4.66 41.40 3.73
C GLN A 74 -3.65 40.33 4.17
N LEU A 75 -2.37 40.69 4.22
CA LEU A 75 -1.36 39.74 4.68
C LEU A 75 -1.60 39.33 6.13
N GLN A 76 -1.89 40.30 7.00
CA GLN A 76 -2.17 39.99 8.40
C GLN A 76 -3.40 39.12 8.53
N ALA A 77 -4.46 39.43 7.79
CA ALA A 77 -5.67 38.62 7.84
C ALA A 77 -5.42 37.21 7.33
N THR A 78 -4.58 37.07 6.29
CA THR A 78 -4.29 35.76 5.75
C THR A 78 -3.45 34.94 6.71
N GLN A 79 -2.51 35.59 7.41
CA GLN A 79 -1.74 34.89 8.43
C GLN A 79 -2.65 34.44 9.58
N ALA A 80 -3.59 35.30 9.98
CA ALA A 80 -4.55 34.90 11.01
C ALA A 80 -5.39 33.72 10.56
N ALA A 81 -5.81 33.71 9.29
CA ALA A 81 -6.56 32.58 8.76
C ALA A 81 -5.71 31.32 8.75
N ARG A 82 -4.44 31.43 8.35
CA ARG A 82 -3.54 30.29 8.39
C ARG A 82 -3.44 29.72 9.79
N LYS A 83 -3.29 30.59 10.79
CA LYS A 83 -3.17 30.11 12.16
C LYS A 83 -4.47 29.47 12.64
N LEU A 84 -5.62 30.03 12.26
CA LEU A 84 -6.88 29.38 12.55
C LEU A 84 -6.94 27.98 11.96
N LEU A 85 -6.55 27.85 10.69
CA LEU A 85 -6.65 26.58 9.99
C LEU A 85 -5.57 25.59 10.42
N SER A 86 -4.53 26.05 11.10
CA SER A 86 -3.42 25.19 11.52
C SER A 86 -3.63 24.58 12.90
N ARG A 87 -4.80 24.79 13.51
CA ARG A 87 -5.08 24.22 14.83
C ARG A 87 -5.70 22.84 14.66
N GLU A 88 -5.16 21.87 15.41
CA GLU A 88 -5.62 20.48 15.29
C GLU A 88 -7.02 20.28 15.85
N LYS A 89 -7.50 21.18 16.70
CA LYS A 89 -8.82 21.05 17.31
C LYS A 89 -9.85 21.70 16.40
N GLN A 90 -10.38 20.93 15.45
CA GLN A 90 -11.47 21.36 14.59
C GLN A 90 -11.17 22.71 13.95
N PRO A 91 -10.25 22.78 13.00
CA PRO A 91 -10.03 24.04 12.29
C PRO A 91 -11.29 24.47 11.56
N PRO A 92 -11.62 25.77 11.56
CA PRO A 92 -12.90 26.22 10.96
C PRO A 92 -12.83 26.28 9.44
N ILE A 93 -12.67 25.11 8.81
CA ILE A 93 -12.56 25.07 7.35
C ILE A 93 -13.87 25.51 6.71
N ASP A 94 -14.97 24.89 7.11
CA ASP A 94 -16.26 25.23 6.50
C ASP A 94 -16.60 26.69 6.70
N ASN A 95 -16.27 27.26 7.86
CA ASN A 95 -16.56 28.67 8.11
C ASN A 95 -15.71 29.56 7.21
N ILE A 96 -14.44 29.20 6.99
CA ILE A 96 -13.59 29.96 6.10
C ILE A 96 -14.11 29.88 4.67
N ILE A 97 -14.60 28.71 4.26
CA ILE A 97 -15.11 28.55 2.91
C ILE A 97 -16.37 29.38 2.72
N ARG A 98 -17.32 29.29 3.66
CA ARG A 98 -18.58 30.02 3.53
C ARG A 98 -18.33 31.53 3.45
N ALA A 99 -17.26 32.01 4.05
CA ALA A 99 -16.92 33.43 3.96
C ALA A 99 -16.48 33.83 2.56
N GLY A 100 -16.25 32.88 1.66
CA GLY A 100 -15.83 33.21 0.32
C GLY A 100 -14.38 33.64 0.22
N LEU A 101 -13.51 33.09 1.06
CA LEU A 101 -12.11 33.51 1.10
C LEU A 101 -11.22 32.77 0.12
N ILE A 102 -11.63 31.60 -0.38
CA ILE A 102 -10.76 30.81 -1.25
C ILE A 102 -10.32 31.60 -2.47
N PRO A 103 -11.21 32.31 -3.18
CA PRO A 103 -10.74 33.08 -4.34
C PRO A 103 -9.70 34.12 -3.99
N LYS A 104 -9.84 34.77 -2.83
CA LYS A 104 -8.85 35.76 -2.41
C LYS A 104 -7.49 35.11 -2.16
N PHE A 105 -7.48 33.96 -1.49
CA PHE A 105 -6.23 33.23 -1.29
C PHE A 105 -5.61 32.84 -2.63
N VAL A 106 -6.44 32.37 -3.57
CA VAL A 106 -5.92 31.95 -4.87
C VAL A 106 -5.31 33.15 -5.60
N SER A 107 -5.94 34.31 -5.49
CA SER A 107 -5.37 35.51 -6.10
C SER A 107 -4.06 35.90 -5.42
N PHE A 108 -3.99 35.76 -4.09
CA PHE A 108 -2.74 36.03 -3.39
C PHE A 108 -1.63 35.13 -3.88
N LEU A 109 -1.97 33.87 -4.20
CA LEU A 109 -0.94 32.93 -4.65
C LEU A 109 -0.10 33.51 -5.79
N GLY A 110 -0.66 34.42 -6.57
CA GLY A 110 0.02 35.01 -7.71
C GLY A 110 0.65 36.36 -7.49
N LYS A 111 0.79 36.81 -6.24
CA LYS A 111 1.38 38.11 -5.94
C LYS A 111 2.88 37.93 -5.75
N THR A 112 3.63 38.14 -6.83
CA THR A 112 5.06 37.88 -6.81
C THR A 112 5.79 38.83 -5.87
N ASP A 113 5.42 40.12 -5.88
CA ASP A 113 6.14 41.12 -5.11
C ASP A 113 5.89 41.03 -3.61
N CYS A 114 5.09 40.06 -3.14
CA CYS A 114 4.83 39.87 -1.71
C CYS A 114 4.84 38.37 -1.44
N SER A 115 6.03 37.80 -1.33
CA SER A 115 6.15 36.38 -1.07
C SER A 115 5.54 35.95 0.27
N PRO A 116 5.53 36.79 1.32
CA PRO A 116 4.89 36.35 2.58
C PRO A 116 3.43 35.99 2.41
N ILE A 117 2.67 36.78 1.65
CA ILE A 117 1.25 36.47 1.49
C ILE A 117 1.08 35.25 0.60
N GLN A 118 1.99 35.06 -0.36
CA GLN A 118 2.00 33.80 -1.12
C GLN A 118 2.12 32.61 -0.18
N PHE A 119 3.12 32.63 0.71
CA PHE A 119 3.32 31.51 1.62
C PHE A 119 2.12 31.32 2.54
N GLU A 120 1.57 32.42 3.08
CA GLU A 120 0.45 32.30 4.01
C GLU A 120 -0.79 31.76 3.33
N SER A 121 -1.11 32.28 2.14
CA SER A 121 -2.27 31.77 1.41
C SER A 121 -2.07 30.32 0.99
N ALA A 122 -0.84 29.95 0.61
CA ALA A 122 -0.58 28.56 0.27
C ALA A 122 -0.79 27.65 1.47
N TRP A 123 -0.32 28.08 2.64
CA TRP A 123 -0.53 27.30 3.86
C TRP A 123 -2.01 27.15 4.18
N ALA A 124 -2.74 28.26 4.12
CA ALA A 124 -4.18 28.21 4.41
C ALA A 124 -4.92 27.31 3.44
N LEU A 125 -4.60 27.42 2.14
CA LEU A 125 -5.27 26.58 1.15
C LEU A 125 -4.85 25.12 1.28
N THR A 126 -3.60 24.87 1.71
CA THR A 126 -3.17 23.50 1.98
C THR A 126 -4.02 22.89 3.07
N ASN A 127 -4.24 23.65 4.15
CA ASN A 127 -5.03 23.12 5.26
C ASN A 127 -6.53 23.07 4.95
N ILE A 128 -6.99 23.86 3.97
CA ILE A 128 -8.37 23.72 3.52
C ILE A 128 -8.52 22.46 2.67
N ALA A 129 -7.54 22.19 1.79
CA ALA A 129 -7.54 21.00 0.96
C ALA A 129 -7.25 19.73 1.75
N SER A 130 -6.75 19.85 2.97
CA SER A 130 -6.48 18.69 3.81
C SER A 130 -7.74 18.06 4.39
N GLY A 131 -8.91 18.63 4.11
CA GLY A 131 -10.16 18.17 4.70
C GLY A 131 -10.92 17.22 3.80
N THR A 132 -12.24 17.32 3.85
CA THR A 132 -13.10 16.40 3.11
C THR A 132 -12.97 16.64 1.60
N SER A 133 -13.58 15.73 0.84
CA SER A 133 -13.57 15.88 -0.61
C SER A 133 -14.28 17.16 -1.04
N GLU A 134 -15.29 17.60 -0.29
CA GLU A 134 -15.98 18.83 -0.64
C GLU A 134 -15.10 20.05 -0.39
N GLN A 135 -14.31 20.03 0.69
CA GLN A 135 -13.42 21.16 0.96
C GLN A 135 -12.27 21.20 -0.03
N THR A 136 -11.67 20.05 -0.34
CA THR A 136 -10.67 20.00 -1.39
C THR A 136 -11.25 20.45 -2.72
N LYS A 137 -12.50 20.08 -2.99
CA LYS A 137 -13.16 20.52 -4.22
C LYS A 137 -13.36 22.02 -4.23
N ALA A 138 -13.69 22.61 -3.08
CA ALA A 138 -13.79 24.06 -2.99
C ALA A 138 -12.45 24.71 -3.30
N VAL A 139 -11.36 24.11 -2.83
CA VAL A 139 -10.04 24.63 -3.16
C VAL A 139 -9.78 24.54 -4.67
N VAL A 140 -10.12 23.41 -5.27
CA VAL A 140 -9.86 23.22 -6.70
C VAL A 140 -10.68 24.18 -7.54
N ASP A 141 -11.96 24.36 -7.19
CA ASP A 141 -12.84 25.21 -7.97
C ASP A 141 -12.38 26.67 -7.97
N GLY A 142 -11.61 27.08 -6.97
CA GLY A 142 -11.08 28.43 -6.93
C GLY A 142 -9.95 28.70 -7.90
N GLY A 143 -9.56 27.73 -8.71
CA GLY A 143 -8.43 27.91 -9.61
C GLY A 143 -7.08 27.77 -8.94
N ALA A 144 -6.97 26.88 -7.95
CA ALA A 144 -5.75 26.80 -7.15
C ALA A 144 -4.67 25.93 -7.79
N ILE A 145 -5.06 24.97 -8.63
CA ILE A 145 -4.09 24.02 -9.20
C ILE A 145 -3.07 24.76 -10.05
N PRO A 146 -3.47 25.53 -11.06
CA PRO A 146 -2.47 26.24 -11.86
C PRO A 146 -1.65 27.24 -11.05
N ALA A 147 -2.25 27.88 -10.05
CA ALA A 147 -1.51 28.81 -9.21
C ALA A 147 -0.40 28.09 -8.44
N PHE A 148 -0.72 26.94 -7.85
CA PHE A 148 0.31 26.17 -7.15
C PHE A 148 1.38 25.65 -8.11
N ILE A 149 0.98 25.24 -9.31
CA ILE A 149 1.96 24.76 -10.27
C ILE A 149 2.89 25.89 -10.68
N SER A 150 2.37 27.12 -10.76
CA SER A 150 3.23 28.26 -11.04
C SER A 150 4.14 28.56 -9.86
N LEU A 151 3.63 28.41 -8.63
CA LEU A 151 4.46 28.65 -7.46
C LEU A 151 5.59 27.63 -7.34
N LEU A 152 5.39 26.42 -7.88
CA LEU A 152 6.45 25.41 -7.82
C LEU A 152 7.79 25.96 -8.33
N ALA A 153 7.76 26.98 -9.19
CA ALA A 153 8.98 27.60 -9.69
C ALA A 153 9.42 28.79 -8.85
N SER A 154 8.81 28.99 -7.68
CA SER A 154 9.17 30.13 -6.85
C SER A 154 10.63 30.02 -6.41
N PRO A 155 11.37 31.13 -6.36
CA PRO A 155 12.76 31.07 -5.89
C PRO A 155 12.88 30.90 -4.38
N HIS A 156 11.77 30.95 -3.64
CA HIS A 156 11.79 30.75 -2.20
C HIS A 156 11.41 29.31 -1.89
N ALA A 157 12.31 28.58 -1.21
CA ALA A 157 12.14 27.15 -1.05
C ALA A 157 10.88 26.81 -0.26
N HIS A 158 10.55 27.62 0.75
CA HIS A 158 9.40 27.27 1.58
C HIS A 158 8.09 27.47 0.83
N ILE A 159 8.03 28.44 -0.08
CA ILE A 159 6.82 28.63 -0.87
C ILE A 159 6.61 27.48 -1.84
N SER A 160 7.69 27.06 -2.53
CA SER A 160 7.57 25.92 -3.43
C SER A 160 7.25 24.65 -2.64
N GLU A 161 7.79 24.52 -1.43
CA GLU A 161 7.45 23.37 -0.58
C GLU A 161 5.97 23.38 -0.24
N GLN A 162 5.43 24.54 0.10
CA GLN A 162 4.00 24.61 0.42
C GLN A 162 3.15 24.34 -0.81
N ALA A 163 3.60 24.75 -1.99
CA ALA A 163 2.89 24.40 -3.22
C ALA A 163 2.91 22.90 -3.46
N VAL A 164 4.05 22.26 -3.25
CA VAL A 164 4.13 20.80 -3.35
C VAL A 164 3.15 20.16 -2.38
N TRP A 165 3.13 20.65 -1.15
CA TRP A 165 2.22 20.13 -0.13
C TRP A 165 0.77 20.24 -0.57
N ALA A 166 0.38 21.42 -1.07
CA ALA A 166 -1.00 21.62 -1.48
C ALA A 166 -1.37 20.73 -2.66
N LEU A 167 -0.49 20.63 -3.65
CA LEU A 167 -0.77 19.76 -4.80
C LEU A 167 -0.89 18.32 -4.37
N GLY A 168 -0.06 17.88 -3.42
CA GLY A 168 -0.20 16.54 -2.89
C GLY A 168 -1.53 16.32 -2.21
N ASN A 169 -1.95 17.28 -1.39
CA ASN A 169 -3.26 17.17 -0.74
C ASN A 169 -4.38 17.10 -1.76
N ILE A 170 -4.26 17.86 -2.85
CA ILE A 170 -5.28 17.84 -3.89
C ILE A 170 -5.31 16.48 -4.57
N ALA A 171 -4.16 16.02 -5.06
CA ALA A 171 -4.10 14.73 -5.76
C ALA A 171 -4.52 13.58 -4.86
N GLY A 172 -4.34 13.72 -3.54
CA GLY A 172 -4.72 12.68 -2.62
C GLY A 172 -6.22 12.49 -2.47
N ASP A 173 -7.02 13.41 -3.01
CA ASP A 173 -8.47 13.26 -2.91
C ASP A 173 -8.96 12.05 -3.68
N GLY A 174 -8.31 11.72 -4.79
CA GLY A 174 -8.72 10.57 -5.57
C GLY A 174 -8.22 10.69 -7.00
N SER A 175 -8.70 9.75 -7.83
CA SER A 175 -8.22 9.65 -9.20
C SER A 175 -8.51 10.92 -9.99
N ALA A 176 -9.71 11.48 -9.84
CA ALA A 176 -10.10 12.63 -10.65
C ALA A 176 -9.16 13.81 -10.45
N PHE A 177 -9.01 14.26 -9.21
CA PHE A 177 -8.14 15.40 -8.94
C PHE A 177 -6.68 15.07 -9.21
N ARG A 178 -6.28 13.82 -8.98
CA ARG A 178 -4.92 13.39 -9.35
C ARG A 178 -4.66 13.65 -10.83
N ASP A 179 -5.52 13.09 -11.69
CA ASP A 179 -5.33 13.26 -13.13
C ASP A 179 -5.50 14.71 -13.57
N LEU A 180 -6.32 15.48 -12.84
CA LEU A 180 -6.47 16.89 -13.18
C LEU A 180 -5.20 17.67 -12.85
N VAL A 181 -4.58 17.35 -11.72
CA VAL A 181 -3.28 17.95 -11.38
C VAL A 181 -2.26 17.58 -12.46
N ILE A 182 -2.26 16.32 -12.89
CA ILE A 182 -1.32 15.90 -13.93
C ILE A 182 -1.56 16.69 -15.21
N LYS A 183 -2.83 16.83 -15.61
CA LYS A 183 -3.16 17.52 -16.85
C LYS A 183 -2.69 18.98 -16.84
N HIS A 184 -2.72 19.62 -15.67
CA HIS A 184 -2.26 21.01 -15.58
C HIS A 184 -0.74 21.13 -15.71
N GLY A 185 -0.02 20.03 -15.73
CA GLY A 185 1.41 20.06 -15.97
C GLY A 185 2.25 20.20 -14.71
N ALA A 186 1.94 19.40 -13.69
CA ALA A 186 2.66 19.47 -12.42
C ALA A 186 3.89 18.56 -12.40
N ILE A 187 3.86 17.45 -13.12
CA ILE A 187 4.93 16.46 -13.02
C ILE A 187 6.25 17.06 -13.48
N ASP A 188 6.24 17.82 -14.58
CA ASP A 188 7.49 18.40 -15.07
C ASP A 188 8.16 19.27 -14.02
N PRO A 189 7.52 20.29 -13.46
CA PRO A 189 8.19 21.10 -12.43
C PRO A 189 8.50 20.33 -11.15
N LEU A 190 7.59 19.46 -10.71
CA LEU A 190 7.85 18.65 -9.52
C LEU A 190 9.15 17.86 -9.67
N LEU A 191 9.32 17.18 -10.81
CA LEU A 191 10.53 16.40 -11.02
C LEU A 191 11.74 17.29 -11.29
N ALA A 192 11.52 18.48 -11.85
CA ALA A 192 12.62 19.41 -12.03
C ALA A 192 13.18 19.88 -10.70
N LEU A 193 12.34 19.91 -9.65
CA LEU A 193 12.84 20.26 -8.33
C LEU A 193 13.80 19.22 -7.78
N LEU A 194 13.76 17.99 -8.29
CA LEU A 194 14.63 16.91 -7.82
C LEU A 194 15.81 16.67 -8.76
N ALA A 195 15.98 17.51 -9.78
CA ALA A 195 17.06 17.34 -10.75
C ALA A 195 18.36 17.91 -10.17
N VAL A 196 18.90 17.19 -9.20
CA VAL A 196 20.17 17.53 -8.58
C VAL A 196 21.06 16.30 -8.56
N PRO A 197 22.39 16.45 -8.65
CA PRO A 197 23.27 15.27 -8.57
C PRO A 197 23.01 14.42 -7.35
N ASP A 198 23.12 15.02 -6.16
CA ASP A 198 22.97 14.32 -4.90
C ASP A 198 21.72 14.81 -4.20
N LEU A 199 20.78 13.89 -3.95
CA LEU A 199 19.56 14.25 -3.23
C LEU A 199 19.86 14.80 -1.83
N SER A 200 21.03 14.47 -1.27
CA SER A 200 21.32 14.87 0.10
C SER A 200 21.44 16.38 0.26
N THR A 201 21.66 17.11 -0.83
CA THR A 201 21.79 18.56 -0.73
C THR A 201 20.45 19.25 -0.48
N LEU A 202 19.34 18.58 -0.75
CA LEU A 202 18.03 19.17 -0.54
C LEU A 202 17.66 19.09 0.94
N ALA A 203 16.79 20.01 1.36
CA ALA A 203 16.32 20.01 2.74
C ALA A 203 15.52 18.74 3.02
N CYS A 204 15.66 18.22 4.25
CA CYS A 204 15.02 16.96 4.60
C CYS A 204 13.51 17.04 4.44
N GLY A 205 12.88 18.08 5.01
CA GLY A 205 11.44 18.21 4.88
C GLY A 205 10.99 18.50 3.46
N TYR A 206 11.76 19.31 2.74
CA TYR A 206 11.49 19.55 1.32
C TYR A 206 11.42 18.24 0.55
N LEU A 207 12.45 17.41 0.71
CA LEU A 207 12.51 16.14 0.00
C LEU A 207 11.39 15.21 0.43
N ARG A 208 11.09 15.17 1.73
CA ARG A 208 10.01 14.30 2.21
C ARG A 208 8.67 14.72 1.62
N ASN A 209 8.39 16.03 1.57
CA ASN A 209 7.15 16.50 0.99
C ASN A 209 7.09 16.19 -0.50
N LEU A 210 8.19 16.41 -1.22
CA LEU A 210 8.21 16.07 -2.64
C LEU A 210 7.92 14.59 -2.85
N THR A 211 8.54 13.72 -2.05
CA THR A 211 8.32 12.29 -2.19
C THR A 211 6.86 11.94 -1.90
N TRP A 212 6.28 12.53 -0.86
CA TRP A 212 4.90 12.23 -0.51
C TRP A 212 3.93 12.69 -1.61
N THR A 213 4.18 13.87 -2.18
CA THR A 213 3.33 14.34 -3.27
C THR A 213 3.44 13.42 -4.47
N LEU A 214 4.67 13.09 -4.88
CA LEU A 214 4.84 12.18 -6.01
C LEU A 214 4.20 10.83 -5.73
N SER A 215 4.21 10.37 -4.48
CA SER A 215 3.56 9.12 -4.14
C SER A 215 2.04 9.24 -4.31
N ASN A 216 1.48 10.39 -3.95
CA ASN A 216 0.05 10.60 -4.16
C ASN A 216 -0.29 10.68 -5.64
N LEU A 217 0.64 11.15 -6.47
CA LEU A 217 0.40 11.14 -7.91
C LEU A 217 0.40 9.74 -8.49
N CYS A 218 0.95 8.76 -7.78
CA CYS A 218 0.95 7.37 -8.20
C CYS A 218 -0.16 6.56 -7.54
N ARG A 219 -0.98 7.19 -6.71
CA ARG A 219 -1.95 6.49 -5.88
C ARG A 219 -3.31 6.39 -6.57
N ASN A 220 -4.14 5.48 -6.07
CA ASN A 220 -5.54 5.34 -6.46
C ASN A 220 -5.69 4.58 -7.77
N LYS A 221 -6.80 3.86 -7.91
CA LYS A 221 -7.09 3.07 -9.09
C LYS A 221 -8.51 3.36 -9.56
N ASN A 222 -8.85 2.82 -10.72
CA ASN A 222 -10.18 2.97 -11.29
C ASN A 222 -10.53 4.45 -11.45
N PRO A 223 -9.80 5.19 -12.30
CA PRO A 223 -8.67 4.75 -13.10
C PRO A 223 -7.34 4.78 -12.37
N ALA A 224 -6.35 4.10 -12.93
CA ALA A 224 -4.97 4.18 -12.46
C ALA A 224 -4.29 5.38 -13.10
N PRO A 225 -3.10 5.74 -12.63
CA PRO A 225 -2.43 6.91 -13.19
C PRO A 225 -2.15 6.72 -14.66
N PRO A 226 -2.04 7.81 -15.42
CA PRO A 226 -1.70 7.68 -16.84
C PRO A 226 -0.35 7.01 -17.03
N LEU A 227 -0.26 6.15 -18.03
CA LEU A 227 0.98 5.41 -18.28
C LEU A 227 2.14 6.35 -18.56
N ASP A 228 1.91 7.40 -19.36
CA ASP A 228 2.98 8.34 -19.66
C ASP A 228 3.46 9.03 -18.38
N ALA A 229 2.54 9.34 -17.47
CA ALA A 229 2.94 9.95 -16.20
C ALA A 229 3.80 9.00 -15.37
N VAL A 230 3.44 7.72 -15.34
CA VAL A 230 4.23 6.74 -14.59
C VAL A 230 5.61 6.59 -15.21
N GLU A 231 5.69 6.54 -16.54
CA GLU A 231 7.00 6.51 -17.20
C GLU A 231 7.81 7.75 -16.89
N GLN A 232 7.14 8.90 -16.76
CA GLN A 232 7.84 10.14 -16.47
C GLN A 232 8.34 10.20 -15.04
N ILE A 233 7.64 9.55 -14.12
CA ILE A 233 7.98 9.65 -12.70
C ILE A 233 8.91 8.53 -12.24
N LEU A 234 8.85 7.35 -12.86
CA LEU A 234 9.52 6.18 -12.30
C LEU A 234 11.02 6.35 -12.10
N PRO A 235 11.77 6.97 -13.01
CA PRO A 235 13.22 7.13 -12.76
C PRO A 235 13.51 7.89 -11.48
N THR A 236 12.87 9.06 -11.30
CA THR A 236 13.07 9.83 -10.08
C THR A 236 12.59 9.05 -8.86
N LEU A 237 11.51 8.28 -9.02
CA LEU A 237 11.01 7.49 -7.90
C LEU A 237 12.01 6.42 -7.48
N VAL A 238 12.71 5.82 -8.46
CA VAL A 238 13.73 4.84 -8.14
C VAL A 238 14.91 5.51 -7.42
N ARG A 239 15.35 6.66 -7.94
CA ARG A 239 16.44 7.38 -7.28
C ARG A 239 16.07 7.73 -5.84
N LEU A 240 14.79 8.07 -5.60
CA LEU A 240 14.33 8.30 -4.24
C LEU A 240 14.32 7.02 -3.43
N LEU A 241 13.94 5.91 -4.06
CA LEU A 241 13.94 4.61 -3.38
C LEU A 241 15.35 4.22 -2.93
N HIS A 242 16.38 4.75 -3.59
CA HIS A 242 17.75 4.52 -3.15
C HIS A 242 18.28 5.61 -2.22
N HIS A 243 17.39 6.33 -1.53
CA HIS A 243 17.79 7.38 -0.62
C HIS A 243 17.89 6.85 0.80
N ASN A 244 18.71 7.53 1.62
CA ASN A 244 19.05 7.05 2.95
C ASN A 244 18.12 7.60 4.04
N ASP A 245 17.03 8.27 3.67
CA ASP A 245 16.11 8.80 4.68
C ASP A 245 14.94 7.85 4.86
N PRO A 246 14.60 7.46 6.10
CA PRO A 246 13.56 6.43 6.27
C PRO A 246 12.18 6.86 5.80
N GLU A 247 11.81 8.13 5.96
CA GLU A 247 10.50 8.58 5.52
C GLU A 247 10.42 8.65 3.99
N VAL A 248 11.48 9.16 3.36
CA VAL A 248 11.55 9.13 1.89
C VAL A 248 11.42 7.70 1.40
N LEU A 249 12.13 6.76 2.04
CA LEU A 249 12.08 5.37 1.62
C LEU A 249 10.68 4.80 1.79
N ALA A 250 10.02 5.10 2.90
CA ALA A 250 8.68 4.58 3.13
C ALA A 250 7.70 5.11 2.09
N ASP A 251 7.76 6.42 1.81
CA ASP A 251 6.85 7.00 0.82
C ASP A 251 7.15 6.45 -0.58
N SER A 252 8.43 6.23 -0.90
CA SER A 252 8.77 5.68 -2.20
C SER A 252 8.28 4.24 -2.34
N CYS A 253 8.40 3.45 -1.27
CA CYS A 253 7.88 2.08 -1.32
C CYS A 253 6.37 2.08 -1.43
N TRP A 254 5.69 3.03 -0.78
CA TRP A 254 4.25 3.14 -0.96
C TRP A 254 3.90 3.49 -2.40
N ALA A 255 4.66 4.39 -3.01
CA ALA A 255 4.42 4.74 -4.40
C ALA A 255 4.59 3.52 -5.31
N ILE A 256 5.68 2.78 -5.12
CA ILE A 256 5.93 1.59 -5.92
C ILE A 256 4.84 0.55 -5.69
N SER A 257 4.31 0.46 -4.46
CA SER A 257 3.24 -0.47 -4.18
C SER A 257 1.96 -0.06 -4.89
N TYR A 258 1.70 1.24 -4.98
CA TYR A 258 0.57 1.73 -5.76
C TYR A 258 0.74 1.36 -7.23
N LEU A 259 1.92 1.61 -7.79
CA LEU A 259 2.16 1.33 -9.20
C LEU A 259 2.07 -0.17 -9.50
N THR A 260 2.51 -1.01 -8.56
CA THR A 260 2.50 -2.45 -8.78
C THR A 260 1.14 -3.08 -8.52
N ASP A 261 0.14 -2.31 -8.10
CA ASP A 261 -1.20 -2.82 -7.87
C ASP A 261 -2.01 -2.59 -9.15
N GLY A 262 -2.04 -3.61 -10.01
CA GLY A 262 -2.72 -3.51 -11.28
C GLY A 262 -2.35 -4.63 -12.22
N PRO A 263 -2.68 -4.47 -13.51
CA PRO A 263 -2.36 -5.52 -14.49
C PRO A 263 -0.87 -5.81 -14.53
N ASN A 264 -0.54 -6.92 -15.21
CA ASN A 264 0.86 -7.32 -15.35
C ASN A 264 1.67 -6.28 -16.11
N GLU A 265 1.02 -5.44 -16.92
CA GLU A 265 1.77 -4.42 -17.66
C GLU A 265 2.38 -3.39 -16.73
N ARG A 266 1.64 -2.97 -15.70
CA ARG A 266 2.16 -2.03 -14.72
C ARG A 266 3.29 -2.66 -13.92
N ILE A 267 3.07 -3.89 -13.44
CA ILE A 267 4.11 -4.62 -12.73
C ILE A 267 5.36 -4.70 -13.58
N GLU A 268 5.21 -4.90 -14.88
CA GLU A 268 6.37 -5.00 -15.76
C GLU A 268 7.04 -3.65 -15.93
N MET A 269 6.26 -2.57 -16.07
CA MET A 269 6.84 -1.24 -16.08
C MET A 269 7.74 -1.03 -14.88
N VAL A 270 7.27 -1.46 -13.70
CA VAL A 270 8.05 -1.25 -12.49
C VAL A 270 9.29 -2.15 -12.48
N VAL A 271 9.11 -3.42 -12.84
CA VAL A 271 10.19 -4.39 -12.72
C VAL A 271 11.30 -4.10 -13.72
N LYS A 272 10.96 -3.54 -14.89
CA LYS A 272 11.99 -3.19 -15.86
C LYS A 272 13.06 -2.30 -15.26
N LYS A 273 12.68 -1.44 -14.32
CA LYS A 273 13.61 -0.48 -13.72
C LYS A 273 14.54 -1.10 -12.69
N GLY A 274 14.49 -2.41 -12.50
CA GLY A 274 15.42 -3.07 -11.59
C GLY A 274 15.31 -2.60 -10.16
N VAL A 275 14.08 -2.44 -9.66
CA VAL A 275 13.86 -2.03 -8.28
C VAL A 275 13.66 -3.20 -7.34
N VAL A 276 13.45 -4.41 -7.87
CA VAL A 276 13.17 -5.56 -7.02
C VAL A 276 14.32 -5.83 -6.05
N PRO A 277 15.59 -5.77 -6.45
CA PRO A 277 16.66 -5.95 -5.46
C PRO A 277 16.60 -4.94 -4.33
N GLN A 278 16.38 -3.67 -4.66
CA GLN A 278 16.23 -2.64 -3.64
C GLN A 278 15.00 -2.89 -2.79
N LEU A 279 13.91 -3.34 -3.42
CA LEU A 279 12.71 -3.68 -2.65
C LEU A 279 13.00 -4.78 -1.64
N VAL A 280 13.81 -5.76 -2.01
CA VAL A 280 14.12 -6.85 -1.07
C VAL A 280 15.03 -6.35 0.04
N LYS A 281 16.05 -5.56 -0.31
CA LYS A 281 16.89 -4.94 0.71
C LYS A 281 16.04 -4.19 1.74
N LEU A 282 15.09 -3.39 1.25
CA LEU A 282 14.22 -2.64 2.17
C LEU A 282 13.25 -3.57 2.90
N LEU A 283 12.87 -4.69 2.28
CA LEU A 283 12.09 -5.70 2.96
C LEU A 283 12.84 -6.22 4.18
N GLY A 284 14.17 -6.25 4.11
CA GLY A 284 14.97 -6.65 5.24
C GLY A 284 15.25 -5.59 6.27
N ALA A 285 14.66 -4.40 6.13
CA ALA A 285 14.96 -3.29 7.02
C ALA A 285 14.33 -3.50 8.40
N THR A 286 14.84 -2.75 9.38
CA THR A 286 14.33 -2.82 10.74
C THR A 286 13.15 -1.89 10.98
N GLU A 287 13.11 -0.75 10.27
CA GLU A 287 12.04 0.22 10.45
C GLU A 287 10.75 -0.31 9.82
N LEU A 288 9.80 -0.71 10.66
CA LEU A 288 8.52 -1.22 10.17
C LEU A 288 7.86 -0.29 9.14
N PRO A 289 7.89 1.03 9.29
CA PRO A 289 7.27 1.89 8.26
C PRO A 289 7.86 1.68 6.88
N ILE A 290 9.10 1.21 6.79
CA ILE A 290 9.69 0.89 5.50
C ILE A 290 9.34 -0.53 5.07
N VAL A 291 9.23 -1.46 6.03
CA VAL A 291 9.03 -2.86 5.67
C VAL A 291 7.61 -3.08 5.16
N THR A 292 6.62 -2.41 5.77
CA THR A 292 5.23 -2.63 5.40
C THR A 292 5.00 -2.35 3.94
N PRO A 293 5.36 -1.17 3.41
CA PRO A 293 5.16 -0.90 1.98
C PRO A 293 6.03 -1.76 1.08
N ALA A 294 7.24 -2.12 1.51
CA ALA A 294 8.08 -2.99 0.69
C ALA A 294 7.47 -4.37 0.55
N LEU A 295 6.95 -4.93 1.65
CA LEU A 295 6.27 -6.22 1.58
C LEU A 295 5.03 -6.12 0.73
N ARG A 296 4.28 -5.02 0.84
CA ARG A 296 3.11 -4.83 -0.01
C ARG A 296 3.52 -4.85 -1.49
N ALA A 297 4.62 -4.17 -1.83
CA ALA A 297 5.05 -4.10 -3.22
C ALA A 297 5.50 -5.46 -3.74
N ILE A 298 6.25 -6.21 -2.91
CA ILE A 298 6.67 -7.54 -3.33
C ILE A 298 5.46 -8.45 -3.52
N GLY A 299 4.50 -8.38 -2.60
CA GLY A 299 3.28 -9.17 -2.74
C GLY A 299 2.49 -8.81 -3.98
N ASN A 300 2.49 -7.53 -4.35
CA ASN A 300 1.82 -7.12 -5.58
C ASN A 300 2.56 -7.65 -6.80
N ILE A 301 3.89 -7.60 -6.78
CA ILE A 301 4.66 -8.06 -7.94
C ILE A 301 4.47 -9.55 -8.16
N VAL A 302 4.39 -10.33 -7.07
CA VAL A 302 4.26 -11.77 -7.24
C VAL A 302 2.88 -12.20 -7.73
N THR A 303 1.92 -11.26 -7.84
CA THR A 303 0.63 -11.57 -8.44
C THR A 303 0.69 -11.58 -9.97
N GLY A 304 1.74 -11.01 -10.56
CA GLY A 304 1.87 -10.97 -12.00
C GLY A 304 2.29 -12.30 -12.60
N THR A 305 3.13 -12.26 -13.62
CA THR A 305 3.55 -13.47 -14.30
C THR A 305 4.55 -14.25 -13.43
N ASP A 306 4.79 -15.50 -13.84
CA ASP A 306 5.76 -16.32 -13.14
C ASP A 306 7.19 -15.85 -13.36
N GLU A 307 7.45 -15.10 -14.44
CA GLU A 307 8.78 -14.54 -14.65
C GLU A 307 9.06 -13.39 -13.68
N GLN A 308 8.04 -12.57 -13.39
CA GLN A 308 8.20 -11.52 -12.39
C GLN A 308 8.37 -12.11 -11.00
N THR A 309 7.56 -13.12 -10.66
CA THR A 309 7.75 -13.85 -9.42
C THR A 309 9.17 -14.41 -9.35
N GLN A 310 9.69 -14.90 -10.49
CA GLN A 310 11.03 -15.46 -10.49
C GLN A 310 12.09 -14.39 -10.29
N LYS A 311 11.86 -13.18 -10.82
CA LYS A 311 12.78 -12.08 -10.54
C LYS A 311 12.78 -11.74 -9.06
N VAL A 312 11.61 -11.75 -8.43
CA VAL A 312 11.53 -11.56 -6.99
C VAL A 312 12.37 -12.63 -6.28
N ILE A 313 12.16 -13.89 -6.64
CA ILE A 313 12.90 -14.98 -5.99
C ILE A 313 14.39 -14.81 -6.20
N ASP A 314 14.80 -14.46 -7.42
CA ASP A 314 16.23 -14.31 -7.72
C ASP A 314 16.85 -13.20 -6.89
N ALA A 315 16.10 -12.11 -6.67
CA ALA A 315 16.63 -11.04 -5.83
C ALA A 315 16.87 -11.49 -4.39
N GLY A 316 16.39 -12.66 -4.00
CA GLY A 316 16.62 -13.18 -2.67
C GLY A 316 15.53 -12.93 -1.67
N ALA A 317 14.30 -12.67 -2.12
CA ALA A 317 13.23 -12.28 -1.20
C ALA A 317 12.94 -13.38 -0.19
N LEU A 318 12.94 -14.64 -0.62
CA LEU A 318 12.55 -15.73 0.26
C LEU A 318 13.43 -15.78 1.51
N ALA A 319 14.70 -15.41 1.39
CA ALA A 319 15.60 -15.46 2.54
C ALA A 319 15.08 -14.60 3.68
N VAL A 320 14.30 -13.56 3.39
CA VAL A 320 13.79 -12.67 4.42
C VAL A 320 12.49 -13.17 5.05
N PHE A 321 11.85 -14.18 4.45
CA PHE A 321 10.51 -14.56 4.88
C PHE A 321 10.47 -15.33 6.20
N PRO A 322 11.55 -16.00 6.62
CA PRO A 322 11.53 -16.57 7.98
C PRO A 322 11.26 -15.53 9.05
N SER A 323 11.75 -14.30 8.85
CA SER A 323 11.45 -13.22 9.79
C SER A 323 10.06 -12.64 9.55
N LEU A 324 9.70 -12.44 8.28
CA LEU A 324 8.40 -11.85 7.98
C LEU A 324 7.27 -12.74 8.44
N LEU A 325 7.43 -14.07 8.33
CA LEU A 325 6.38 -15.00 8.73
C LEU A 325 6.34 -15.22 10.24
N THR A 326 7.33 -14.72 10.98
CA THR A 326 7.29 -14.72 12.44
C THR A 326 7.31 -13.30 12.99
N ASN A 327 6.87 -12.33 12.20
CA ASN A 327 6.93 -10.94 12.61
C ASN A 327 5.90 -10.67 13.70
N PRO A 328 6.23 -9.85 14.71
CA PRO A 328 5.24 -9.54 15.75
C PRO A 328 4.03 -8.79 15.23
N LYS A 329 4.18 -8.02 14.15
CA LYS A 329 3.05 -7.31 13.55
C LYS A 329 2.13 -8.31 12.84
N THR A 330 0.85 -8.31 13.23
CA THR A 330 -0.10 -9.22 12.61
C THR A 330 -0.19 -9.00 11.11
N ASN A 331 -0.19 -7.73 10.68
CA ASN A 331 -0.37 -7.44 9.26
C ASN A 331 0.86 -7.82 8.44
N ILE A 332 2.06 -7.68 9.01
CA ILE A 332 3.25 -8.13 8.30
C ILE A 332 3.17 -9.64 8.07
N GLN A 333 2.79 -10.40 9.10
CA GLN A 333 2.62 -11.83 8.93
C GLN A 333 1.58 -12.14 7.87
N LYS A 334 0.44 -11.44 7.92
CA LYS A 334 -0.64 -11.71 6.98
C LYS A 334 -0.19 -11.46 5.55
N GLU A 335 0.46 -10.32 5.30
CA GLU A 335 0.89 -10.01 3.95
C GLU A 335 2.03 -10.90 3.49
N ALA A 336 2.89 -11.34 4.41
CA ALA A 336 3.94 -12.30 4.03
C ALA A 336 3.35 -13.63 3.63
N THR A 337 2.35 -14.11 4.38
CA THR A 337 1.67 -15.35 4.00
C THR A 337 0.93 -15.19 2.68
N TRP A 338 0.30 -14.03 2.47
CA TRP A 338 -0.37 -13.76 1.20
C TRP A 338 0.62 -13.76 0.04
N THR A 339 1.81 -13.20 0.26
CA THR A 339 2.85 -13.26 -0.76
C THR A 339 3.28 -14.70 -1.01
N MET A 340 3.43 -15.49 0.04
CA MET A 340 3.81 -16.90 -0.13
C MET A 340 2.76 -17.64 -0.96
N SER A 341 1.47 -17.36 -0.72
CA SER A 341 0.43 -18.04 -1.47
C SER A 341 0.53 -17.73 -2.95
N ASN A 342 0.98 -16.53 -3.31
CA ASN A 342 1.17 -16.19 -4.72
C ASN A 342 2.46 -16.76 -5.29
N ILE A 343 3.29 -17.39 -4.48
CA ILE A 343 4.47 -18.08 -4.95
C ILE A 343 4.25 -19.58 -5.04
N THR A 344 3.59 -20.16 -4.04
CA THR A 344 3.21 -21.57 -4.11
C THR A 344 2.21 -21.84 -5.22
N ALA A 345 1.64 -20.80 -5.83
CA ALA A 345 0.76 -20.94 -6.97
C ALA A 345 1.52 -20.99 -8.30
N GLY A 346 2.81 -20.65 -8.29
CA GLY A 346 3.60 -20.61 -9.51
C GLY A 346 4.11 -21.97 -9.93
N ARG A 347 5.27 -21.96 -10.59
CA ARG A 347 5.83 -23.17 -11.18
C ARG A 347 6.31 -24.12 -10.09
N GLN A 348 6.61 -25.36 -10.51
CA GLN A 348 7.12 -26.34 -9.57
C GLN A 348 8.54 -26.04 -9.13
N ASP A 349 9.35 -25.43 -10.01
CA ASP A 349 10.68 -25.00 -9.60
C ASP A 349 10.61 -23.89 -8.56
N GLN A 350 9.59 -23.04 -8.63
CA GLN A 350 9.43 -21.99 -7.63
C GLN A 350 8.95 -22.57 -6.30
N ILE A 351 8.05 -23.55 -6.35
CA ILE A 351 7.68 -24.26 -5.13
C ILE A 351 8.91 -24.94 -4.53
N GLN A 352 9.79 -25.47 -5.40
CA GLN A 352 11.02 -26.08 -4.90
C GLN A 352 11.96 -25.05 -4.29
N GLN A 353 11.99 -23.84 -4.83
CA GLN A 353 12.74 -22.76 -4.20
C GLN A 353 12.19 -22.46 -2.81
N VAL A 354 10.87 -22.36 -2.70
CA VAL A 354 10.24 -22.18 -1.40
C VAL A 354 10.70 -23.26 -0.43
N VAL A 355 10.64 -24.52 -0.87
CA VAL A 355 11.03 -25.63 0.00
C VAL A 355 12.51 -25.51 0.38
N ASN A 356 13.37 -25.23 -0.59
CA ASN A 356 14.80 -25.12 -0.33
C ASN A 356 15.08 -24.07 0.73
N HIS A 357 14.34 -22.96 0.70
CA HIS A 357 14.53 -21.96 1.74
C HIS A 357 13.93 -22.37 3.08
N GLY A 358 13.39 -23.58 3.19
CA GLY A 358 12.89 -24.07 4.47
C GLY A 358 11.74 -23.24 5.00
N LEU A 359 10.88 -22.75 4.13
CA LEU A 359 9.74 -21.94 4.53
C LEU A 359 8.49 -22.76 4.76
N VAL A 360 8.51 -24.05 4.46
CA VAL A 360 7.35 -24.92 4.68
C VAL A 360 7.13 -25.08 6.19
N PRO A 361 8.18 -25.29 6.99
CA PRO A 361 7.96 -25.29 8.44
C PRO A 361 7.36 -23.99 8.96
N PHE A 362 7.71 -22.85 8.35
CA PHE A 362 7.15 -21.59 8.79
C PHE A 362 5.69 -21.46 8.41
N LEU A 363 5.31 -22.00 7.24
CA LEU A 363 3.89 -22.03 6.89
C LEU A 363 3.13 -22.96 7.84
N VAL A 364 3.74 -24.08 8.22
CA VAL A 364 3.12 -24.97 9.21
C VAL A 364 2.92 -24.23 10.52
N GLY A 365 3.93 -23.46 10.95
CA GLY A 365 3.79 -22.70 12.18
C GLY A 365 2.68 -21.68 12.10
N VAL A 366 2.65 -20.89 11.02
CA VAL A 366 1.58 -19.91 10.85
C VAL A 366 0.22 -20.59 10.89
N LEU A 367 0.09 -21.73 10.20
CA LEU A 367 -1.16 -22.47 10.24
C LEU A 367 -1.49 -22.94 11.65
N SER A 368 -0.46 -23.19 12.47
CA SER A 368 -0.67 -23.72 13.80
C SER A 368 -1.14 -22.63 14.76
N LYS A 369 -0.49 -21.47 14.73
CA LYS A 369 -0.83 -20.38 15.65
C LYS A 369 -0.53 -19.06 14.96
N ALA A 370 -1.58 -18.28 14.67
CA ALA A 370 -1.44 -16.95 14.11
C ALA A 370 -2.85 -16.35 14.02
N ASP A 371 -2.89 -15.05 13.74
CA ASP A 371 -4.15 -14.39 13.48
C ASP A 371 -4.94 -15.15 12.42
N PHE A 372 -6.25 -15.28 12.63
CA PHE A 372 -7.05 -16.16 11.80
C PHE A 372 -6.98 -15.78 10.32
N LYS A 373 -6.84 -14.49 10.01
CA LYS A 373 -6.70 -14.10 8.62
C LYS A 373 -5.36 -14.56 8.05
N THR A 374 -4.30 -14.47 8.84
CA THR A 374 -3.02 -15.03 8.43
C THR A 374 -3.15 -16.55 8.22
N GLN A 375 -3.93 -17.21 9.08
CA GLN A 375 -4.14 -18.64 8.91
C GLN A 375 -4.91 -18.95 7.63
N LYS A 376 -5.86 -18.08 7.26
CA LYS A 376 -6.58 -18.29 6.01
C LYS A 376 -5.66 -18.11 4.80
N GLU A 377 -4.80 -17.08 4.84
CA GLU A 377 -3.82 -16.92 3.78
C GLU A 377 -2.87 -18.12 3.72
N ALA A 378 -2.54 -18.68 4.88
CA ALA A 378 -1.67 -19.86 4.90
C ALA A 378 -2.38 -21.07 4.30
N ALA A 379 -3.67 -21.23 4.58
CA ALA A 379 -4.44 -22.31 3.96
C ALA A 379 -4.48 -22.13 2.45
N TRP A 380 -4.64 -20.88 1.98
CA TRP A 380 -4.57 -20.62 0.54
C TRP A 380 -3.22 -21.05 -0.03
N ALA A 381 -2.14 -20.66 0.64
CA ALA A 381 -0.80 -21.02 0.18
C ALA A 381 -0.63 -22.54 0.12
N ILE A 382 -1.14 -23.24 1.13
CA ILE A 382 -0.99 -24.70 1.16
C ILE A 382 -1.81 -25.33 0.03
N THR A 383 -3.01 -24.83 -0.22
CA THR A 383 -3.82 -25.39 -1.29
C THR A 383 -3.17 -25.17 -2.65
N ASN A 384 -2.62 -23.98 -2.89
CA ASN A 384 -1.92 -23.73 -4.14
C ASN A 384 -0.69 -24.63 -4.26
N TYR A 385 0.09 -24.73 -3.19
CA TYR A 385 1.23 -25.64 -3.14
C TYR A 385 0.82 -27.04 -3.57
N THR A 386 -0.23 -27.59 -2.95
CA THR A 386 -0.62 -28.97 -3.22
C THR A 386 -1.17 -29.11 -4.64
N SER A 387 -1.89 -28.11 -5.13
CA SER A 387 -2.47 -28.22 -6.47
C SER A 387 -1.38 -28.19 -7.55
N GLY A 388 -0.41 -27.30 -7.40
CA GLY A 388 0.63 -27.14 -8.41
C GLY A 388 1.93 -27.86 -8.15
N GLY A 389 2.08 -28.55 -7.02
CA GLY A 389 3.33 -29.18 -6.68
C GLY A 389 3.42 -30.63 -7.11
N THR A 390 4.64 -31.16 -7.05
CA THR A 390 4.88 -32.56 -7.38
C THR A 390 4.38 -33.46 -6.25
N VAL A 391 4.61 -34.76 -6.41
CA VAL A 391 4.28 -35.70 -5.34
C VAL A 391 5.33 -35.66 -4.24
N GLU A 392 6.60 -35.50 -4.63
CA GLU A 392 7.67 -35.38 -3.63
C GLU A 392 7.43 -34.15 -2.75
N GLN A 393 6.99 -33.05 -3.35
CA GLN A 393 6.79 -31.82 -2.58
C GLN A 393 5.59 -31.94 -1.65
N ILE A 394 4.51 -32.59 -2.10
CA ILE A 394 3.36 -32.80 -1.24
C ILE A 394 3.72 -33.73 -0.09
N VAL A 395 4.52 -34.76 -0.37
CA VAL A 395 4.98 -35.66 0.68
C VAL A 395 5.83 -34.90 1.70
N TYR A 396 6.71 -34.04 1.21
CA TYR A 396 7.52 -33.22 2.12
C TYR A 396 6.63 -32.33 2.98
N LEU A 397 5.61 -31.71 2.37
CA LEU A 397 4.66 -30.90 3.14
C LEU A 397 4.05 -31.72 4.27
N VAL A 398 3.57 -32.92 3.95
CA VAL A 398 2.95 -33.75 4.98
C VAL A 398 3.98 -34.13 6.04
N HIS A 399 5.22 -34.37 5.63
CA HIS A 399 6.26 -34.73 6.59
C HIS A 399 6.59 -33.57 7.53
N CYS A 400 6.41 -32.34 7.07
CA CYS A 400 6.68 -31.19 7.92
C CYS A 400 5.62 -30.99 9.00
N GLY A 401 4.54 -31.76 8.98
CA GLY A 401 3.53 -31.68 10.02
C GLY A 401 2.39 -30.74 9.67
N ILE A 402 1.87 -30.85 8.45
CA ILE A 402 0.80 -29.95 8.02
C ILE A 402 -0.56 -30.47 8.46
N ILE A 403 -0.70 -31.78 8.65
CA ILE A 403 -2.02 -32.39 8.75
C ILE A 403 -2.74 -31.94 10.01
N GLU A 404 -2.04 -31.94 11.16
CA GLU A 404 -2.72 -31.58 12.40
C GLU A 404 -3.21 -30.14 12.40
N PRO A 405 -2.38 -29.13 12.09
CA PRO A 405 -2.90 -27.75 12.03
C PRO A 405 -3.91 -27.56 10.92
N LEU A 406 -3.81 -28.31 9.83
CA LEU A 406 -4.81 -28.21 8.77
C LEU A 406 -6.17 -28.71 9.25
N MET A 407 -6.18 -29.84 9.97
CA MET A 407 -7.42 -30.35 10.52
C MET A 407 -7.99 -29.40 11.57
N ASN A 408 -7.13 -28.85 12.43
CA ASN A 408 -7.62 -28.00 13.52
C ASN A 408 -8.37 -26.78 13.01
N LEU A 409 -8.23 -26.43 11.73
CA LEU A 409 -8.91 -25.28 11.16
C LEU A 409 -10.27 -25.63 10.56
N LEU A 410 -10.65 -26.91 10.54
CA LEU A 410 -11.95 -27.32 10.01
C LEU A 410 -13.08 -27.10 11.00
N SER A 411 -12.81 -26.45 12.14
CA SER A 411 -13.85 -26.08 13.09
C SER A 411 -14.08 -24.58 13.14
N ALA A 412 -13.57 -23.84 12.16
CA ALA A 412 -13.81 -22.41 12.07
C ALA A 412 -15.18 -22.15 11.44
N LYS A 413 -15.65 -20.91 11.61
CA LYS A 413 -16.96 -20.50 11.11
C LYS A 413 -16.87 -19.80 9.76
N ASP A 414 -15.70 -19.78 9.14
CA ASP A 414 -15.53 -19.23 7.80
C ASP A 414 -15.73 -20.35 6.80
N THR A 415 -16.74 -20.21 5.93
CA THR A 415 -17.04 -21.26 4.97
C THR A 415 -15.95 -21.38 3.91
N LYS A 416 -15.30 -20.27 3.56
CA LYS A 416 -14.30 -20.30 2.50
C LYS A 416 -13.07 -21.11 2.92
N ILE A 417 -12.61 -20.91 4.16
CA ILE A 417 -11.42 -21.63 4.62
C ILE A 417 -11.69 -23.13 4.63
N ILE A 418 -12.93 -23.53 4.94
CA ILE A 418 -13.27 -24.95 4.90
C ILE A 418 -13.08 -25.49 3.49
N GLN A 419 -13.58 -24.76 2.49
CA GLN A 419 -13.44 -25.19 1.10
C GLN A 419 -11.97 -25.28 0.72
N VAL A 420 -11.17 -24.27 1.09
CA VAL A 420 -9.75 -24.28 0.73
C VAL A 420 -9.05 -25.47 1.36
N ILE A 421 -9.32 -25.74 2.64
CA ILE A 421 -8.66 -26.84 3.33
C ILE A 421 -9.09 -28.18 2.73
N LEU A 422 -10.37 -28.31 2.38
CA LEU A 422 -10.83 -29.56 1.79
C LEU A 422 -10.21 -29.77 0.42
N ASP A 423 -10.02 -28.69 -0.35
CA ASP A 423 -9.34 -28.81 -1.64
C ASP A 423 -7.89 -29.26 -1.44
N ALA A 424 -7.19 -28.67 -0.47
CA ALA A 424 -5.83 -29.09 -0.19
C ALA A 424 -5.78 -30.56 0.23
N ILE A 425 -6.74 -30.99 1.06
CA ILE A 425 -6.78 -32.38 1.49
C ILE A 425 -7.00 -33.30 0.30
N SER A 426 -7.90 -32.92 -0.61
CA SER A 426 -8.14 -33.73 -1.80
C SER A 426 -6.87 -33.85 -2.64
N ASN A 427 -6.14 -32.75 -2.80
CA ASN A 427 -4.90 -32.79 -3.57
C ASN A 427 -3.88 -33.71 -2.91
N ILE A 428 -3.74 -33.61 -1.59
CA ILE A 428 -2.79 -34.47 -0.88
C ILE A 428 -3.19 -35.93 -1.02
N PHE A 429 -4.49 -36.20 -0.98
CA PHE A 429 -4.96 -37.58 -1.12
C PHE A 429 -4.71 -38.11 -2.52
N GLN A 430 -4.85 -37.26 -3.55
CA GLN A 430 -4.46 -37.66 -4.90
C GLN A 430 -2.97 -38.02 -4.94
N ALA A 431 -2.13 -37.17 -4.36
CA ALA A 431 -0.70 -37.45 -4.32
C ALA A 431 -0.44 -38.78 -3.64
N ALA A 432 -1.18 -39.09 -2.57
CA ALA A 432 -1.00 -40.36 -1.88
C ALA A 432 -1.46 -41.54 -2.74
N GLU A 433 -2.63 -41.42 -3.35
CA GLU A 433 -3.08 -42.43 -4.31
C GLU A 433 -1.99 -42.76 -5.31
N LYS A 434 -1.27 -41.73 -5.76
CA LYS A 434 -0.16 -41.98 -6.68
C LYS A 434 0.97 -42.76 -6.04
N LEU A 435 0.85 -43.14 -4.76
CA LEU A 435 1.86 -43.93 -4.08
C LEU A 435 1.29 -45.16 -3.38
N GLY A 436 -0.01 -45.40 -3.46
CA GLY A 436 -0.62 -46.46 -2.68
C GLY A 436 -0.51 -46.22 -1.19
N GLU A 437 -0.72 -44.98 -0.76
CA GLU A 437 -0.55 -44.59 0.63
C GLU A 437 -1.82 -43.99 1.22
N THR A 438 -2.95 -44.06 0.51
CA THR A 438 -4.19 -43.48 1.03
C THR A 438 -4.52 -44.04 2.41
N GLU A 439 -4.20 -45.31 2.67
CA GLU A 439 -4.46 -45.88 3.98
C GLU A 439 -3.63 -45.18 5.05
N LYS A 440 -2.35 -44.93 4.77
CA LYS A 440 -1.49 -44.24 5.72
C LYS A 440 -2.02 -42.85 6.05
N LEU A 441 -2.39 -42.10 5.01
CA LEU A 441 -2.87 -40.73 5.22
C LEU A 441 -4.21 -40.72 5.93
N SER A 442 -5.08 -41.69 5.63
CA SER A 442 -6.36 -41.78 6.34
C SER A 442 -6.14 -42.08 7.81
N ILE A 443 -5.25 -43.02 8.12
CA ILE A 443 -4.90 -43.30 9.51
C ILE A 443 -4.39 -42.03 10.19
N MET A 444 -3.54 -41.28 9.50
CA MET A 444 -3.00 -40.05 10.06
C MET A 444 -4.11 -39.06 10.38
N ILE A 445 -4.99 -38.81 9.40
CA ILE A 445 -6.07 -37.85 9.59
C ILE A 445 -7.02 -38.32 10.69
N GLU A 446 -7.13 -39.63 10.88
CA GLU A 446 -8.04 -40.15 11.90
C GLU A 446 -7.44 -40.01 13.30
N GLU A 447 -6.12 -40.23 13.43
CA GLU A 447 -5.50 -40.23 14.75
C GLU A 447 -5.42 -38.83 15.36
N CYS A 448 -5.48 -37.78 14.56
CA CYS A 448 -5.43 -36.41 15.05
C CYS A 448 -6.81 -35.78 15.20
N GLY A 449 -7.88 -36.53 14.95
CA GLY A 449 -9.23 -36.01 15.09
C GLY A 449 -9.77 -35.32 13.87
N GLY A 450 -9.23 -35.58 12.68
CA GLY A 450 -9.71 -34.94 11.48
C GLY A 450 -10.91 -35.62 10.87
N LEU A 451 -10.99 -36.94 10.98
CA LEU A 451 -12.13 -37.67 10.43
C LEU A 451 -13.43 -37.19 11.07
N ASP A 452 -13.40 -36.90 12.37
CA ASP A 452 -14.59 -36.43 13.06
C ASP A 452 -15.07 -35.10 12.46
N LYS A 453 -14.14 -34.16 12.25
CA LYS A 453 -14.51 -32.88 11.68
C LYS A 453 -15.03 -33.04 10.25
N ILE A 454 -14.36 -33.87 9.45
CA ILE A 454 -14.81 -34.09 8.08
C ILE A 454 -16.22 -34.65 8.07
N GLU A 455 -16.51 -35.62 8.94
CA GLU A 455 -17.86 -36.16 9.01
C GLU A 455 -18.86 -35.09 9.44
N ALA A 456 -18.49 -34.29 10.45
CA ALA A 456 -19.37 -33.21 10.90
C ALA A 456 -19.62 -32.18 9.81
N LEU A 457 -18.73 -32.09 8.82
CA LEU A 457 -18.90 -31.13 7.73
C LEU A 457 -19.90 -31.60 6.68
N GLN A 458 -20.49 -32.78 6.83
CA GLN A 458 -21.53 -33.23 5.90
C GLN A 458 -22.87 -32.57 6.17
N ARG A 459 -23.10 -32.11 7.40
CA ARG A 459 -24.31 -31.36 7.73
C ARG A 459 -24.13 -29.86 7.57
N HIS A 460 -22.93 -29.40 7.23
CA HIS A 460 -22.70 -27.98 7.03
C HIS A 460 -23.65 -27.43 5.97
N GLU A 461 -24.15 -26.22 6.19
CA GLU A 461 -25.17 -25.65 5.31
C GLU A 461 -24.68 -25.56 3.88
N ASN A 462 -23.52 -24.94 3.67
CA ASN A 462 -23.03 -24.69 2.32
C ASN A 462 -23.03 -25.97 1.50
N GLU A 463 -23.27 -25.83 0.20
CA GLU A 463 -23.42 -26.99 -0.67
C GLU A 463 -22.08 -27.65 -0.97
N SER A 464 -21.24 -26.99 -1.76
CA SER A 464 -19.95 -27.57 -2.15
C SER A 464 -19.18 -28.09 -0.94
N VAL A 465 -19.36 -27.45 0.22
CA VAL A 465 -18.69 -27.92 1.44
C VAL A 465 -19.08 -29.37 1.72
N TYR A 466 -20.38 -29.62 1.94
CA TYR A 466 -20.80 -30.98 2.26
C TYR A 466 -20.57 -31.91 1.07
N LYS A 467 -20.62 -31.38 -0.16
CA LYS A 467 -20.35 -32.23 -1.32
C LYS A 467 -18.94 -32.80 -1.26
N ALA A 468 -17.94 -31.93 -1.09
CA ALA A 468 -16.56 -32.39 -1.01
C ALA A 468 -16.32 -33.25 0.23
N SER A 469 -16.92 -32.88 1.35
CA SER A 469 -16.71 -33.65 2.57
C SER A 469 -17.30 -35.06 2.44
N LEU A 470 -18.50 -35.18 1.87
CA LEU A 470 -19.08 -36.48 1.62
C LEU A 470 -18.26 -37.27 0.61
N ASN A 471 -17.74 -36.60 -0.41
CA ASN A 471 -16.87 -37.28 -1.37
C ASN A 471 -15.67 -37.90 -0.66
N LEU A 472 -15.00 -37.12 0.19
CA LEU A 472 -13.86 -37.64 0.94
C LEU A 472 -14.27 -38.81 1.84
N ILE A 473 -15.35 -38.61 2.61
CA ILE A 473 -15.83 -39.66 3.50
C ILE A 473 -16.01 -40.96 2.75
N GLU A 474 -16.72 -40.92 1.62
CA GLU A 474 -17.03 -42.13 0.87
C GLU A 474 -15.82 -42.68 0.11
N LYS A 475 -14.84 -41.83 -0.21
CA LYS A 475 -13.75 -42.26 -1.07
C LYS A 475 -12.57 -42.84 -0.29
N TYR A 476 -12.24 -42.27 0.88
CA TYR A 476 -11.04 -42.67 1.60
C TYR A 476 -11.31 -43.24 2.98
N PHE A 477 -12.57 -43.44 3.36
CA PHE A 477 -12.90 -43.95 4.69
C PHE A 477 -14.09 -44.92 4.54
N SER A 478 -13.77 -46.21 4.47
CA SER A 478 -14.80 -47.24 4.34
C SER A 478 -14.39 -48.50 5.09
N ARG B 31 -3.65 9.86 2.59
CA ARG B 31 -4.46 10.66 1.69
C ARG B 31 -4.03 12.13 1.73
N LYS B 32 -4.35 12.81 2.83
CA LYS B 32 -4.08 14.23 2.98
C LYS B 32 -3.35 14.47 4.29
N ARG B 33 -2.65 15.61 4.35
CA ARG B 33 -1.84 15.96 5.51
C ARG B 33 -2.02 17.44 5.83
N GLN B 34 -2.58 17.72 7.00
CA GLN B 34 -2.67 19.09 7.49
C GLN B 34 -1.33 19.55 8.03
N LYS B 35 -1.00 20.81 7.79
CA LYS B 35 0.22 21.41 8.30
C LYS B 35 -0.09 22.14 9.60
N LEU B 36 0.59 21.74 10.67
CA LEU B 36 0.40 22.31 11.99
C LEU B 36 1.52 23.29 12.31
N MET B 37 1.25 24.20 13.24
CA MET B 37 2.23 25.19 13.64
C MET B 37 3.48 24.53 14.22
#